data_3Q71
#
_entry.id   3Q71
#
_cell.length_a   66.350
_cell.length_b   66.350
_cell.length_c   110.690
_cell.angle_alpha   90.00
_cell.angle_beta   90.00
_cell.angle_gamma   120.00
#
_symmetry.space_group_name_H-M   'P 32 2 1'
#
loop_
_entity.id
_entity.type
_entity.pdbx_description
1 polymer 'Poly [ADP-ribose] polymerase 14'
2 non-polymer '[(2R,3S,4R,5R)-5-(6-AMINOPURIN-9-YL)-3,4-DIHYDROXY-OXOLAN-2-YL]METHYL [HYDROXY-[[(2R,3S,4R,5S)-3,4,5-TRIHYDROXYOXOLAN-2-YL]METHOXY]PHOSPHORYL] HYDROGEN PHOSPHATE'
3 water water
#
_entity_poly.entity_id   1
_entity_poly.type   'polypeptide(L)'
_entity_poly.pdbx_seq_one_letter_code
;MHHHHHHSSGVDLGTENLYFQSMGKTSWEKGSLVSPGGLQMLLVKEGVQNAKTDVVVNSVPLDLVLSRGPLSKSLLEKAG
PELQEELDTVGQGVAVSMGTVLKTSSWNLDCRYVLHVVAPEWRNGSTSSLKIMEDIIRECMEITESLSLKSIAFPAIGTG
NLGFPKNIFAELIISEVFKFSSKNQLKTLQEVHFLLHPSDHENIQAFSDEFARRANGNLVS
;
_entity_poly.pdbx_strand_id   A
#
# COMPACT_ATOMS: atom_id res chain seq x y z
N GLY A 14 2.52 -18.23 -3.96
CA GLY A 14 3.62 -18.62 -3.01
C GLY A 14 3.13 -18.80 -1.58
N THR A 15 4.01 -19.29 -0.70
CA THR A 15 3.71 -19.56 0.73
C THR A 15 3.40 -18.30 1.56
N GLU A 16 3.81 -17.14 1.05
CA GLU A 16 3.54 -15.87 1.71
C GLU A 16 2.15 -15.37 1.34
N ASN A 17 1.49 -16.01 0.35
CA ASN A 17 0.11 -15.68 0.00
C ASN A 17 -0.83 -16.27 1.05
N LEU A 18 -1.42 -15.39 1.83
CA LEU A 18 -2.34 -15.79 2.88
C LEU A 18 -3.61 -16.35 2.27
N TYR A 19 -4.28 -17.18 3.06
CA TYR A 19 -5.66 -17.57 2.81
C TYR A 19 -6.57 -16.74 3.70
N PHE A 20 -7.85 -16.66 3.32
CA PHE A 20 -8.86 -16.15 4.22
C PHE A 20 -9.90 -17.24 4.43
N GLN A 21 -10.47 -17.27 5.62
CA GLN A 21 -11.53 -18.21 5.93
C GLN A 21 -12.81 -17.67 5.36
N SER A 22 -13.51 -18.52 4.61
CA SER A 22 -14.85 -18.23 4.13
C SER A 22 -15.77 -17.88 5.29
N MET A 23 -16.77 -17.05 5.02
CA MET A 23 -17.67 -16.58 6.08
C MET A 23 -18.43 -17.71 6.77
N GLY A 24 -18.76 -18.75 6.02
CA GLY A 24 -19.36 -19.97 6.60
C GLY A 24 -18.42 -20.79 7.48
N LYS A 25 -17.12 -20.45 7.45
CA LYS A 25 -16.09 -21.03 8.35
C LYS A 25 -15.66 -22.46 8.07
N THR A 26 -16.26 -23.13 7.11
CA THR A 26 -15.89 -24.51 6.84
C THR A 26 -14.96 -24.64 5.63
N SER A 27 -14.50 -23.52 5.09
CA SER A 27 -13.54 -23.54 3.99
C SER A 27 -12.57 -22.37 4.04
N TRP A 28 -11.46 -22.49 3.31
CA TRP A 28 -10.45 -21.42 3.21
C TRP A 28 -10.04 -21.24 1.76
N GLU A 29 -9.84 -19.99 1.37
CA GLU A 29 -9.59 -19.65 -0.03
C GLU A 29 -8.29 -18.89 -0.15
N LYS A 30 -7.54 -19.11 -1.22
CA LYS A 30 -6.32 -18.35 -1.43
C LYS A 30 -6.68 -16.87 -1.41
N GLY A 31 -5.81 -16.08 -0.79
CA GLY A 31 -6.07 -14.66 -0.61
C GLY A 31 -5.90 -13.90 -1.90
N SER A 32 -6.93 -14.01 -2.75
CA SER A 32 -6.95 -13.40 -4.07
C SER A 32 -8.37 -13.00 -4.45
N LEU A 33 -8.54 -11.74 -4.87
CA LEU A 33 -9.80 -11.21 -5.36
C LEU A 33 -9.54 -10.52 -6.70
N VAL A 34 -10.41 -10.76 -7.68
CA VAL A 34 -10.33 -10.11 -8.99
C VAL A 34 -11.59 -9.28 -9.21
N SER A 35 -11.42 -7.98 -9.44
CA SER A 35 -12.53 -7.09 -9.83
C SER A 35 -13.11 -7.52 -11.18
N PRO A 36 -14.34 -7.08 -11.49
CA PRO A 36 -14.93 -7.38 -12.81
C PRO A 36 -14.05 -6.91 -13.96
N GLY A 37 -13.40 -5.77 -13.78
CA GLY A 37 -12.47 -5.23 -14.76
C GLY A 37 -11.17 -6.00 -14.90
N GLY A 38 -10.89 -6.93 -14.00
CA GLY A 38 -9.72 -7.81 -14.12
C GLY A 38 -8.52 -7.44 -13.26
N LEU A 39 -8.66 -6.47 -12.37
CA LEU A 39 -7.57 -6.10 -11.46
C LEU A 39 -7.51 -7.04 -10.26
N GLN A 40 -6.37 -7.68 -10.07
CA GLN A 40 -6.21 -8.66 -9.01
C GLN A 40 -5.64 -8.03 -7.75
N MET A 41 -6.22 -8.39 -6.61
CA MET A 41 -5.73 -8.01 -5.28
C MET A 41 -5.26 -9.25 -4.54
N LEU A 42 -4.10 -9.17 -3.90
CA LEU A 42 -3.46 -10.28 -3.23
C LEU A 42 -3.13 -9.97 -1.77
N LEU A 43 -3.38 -10.93 -0.89
CA LEU A 43 -3.02 -10.82 0.51
C LEU A 43 -1.68 -11.47 0.69
N VAL A 44 -0.68 -10.67 1.08
CA VAL A 44 0.69 -11.15 1.21
C VAL A 44 1.22 -10.86 2.61
N LYS A 45 1.83 -11.88 3.21
CA LYS A 45 2.43 -11.78 4.54
C LYS A 45 3.93 -11.72 4.36
N GLU A 46 4.48 -10.52 4.46
CA GLU A 46 5.92 -10.33 4.32
C GLU A 46 6.32 -8.92 4.70
N GLY A 47 7.60 -8.76 5.00
CA GLY A 47 8.16 -7.43 5.22
C GLY A 47 8.20 -6.68 3.92
N VAL A 48 7.85 -5.40 3.97
CA VAL A 48 7.87 -4.51 2.80
C VAL A 48 9.25 -4.53 2.15
N GLN A 49 10.28 -4.73 2.97
CA GLN A 49 11.65 -4.85 2.48
C GLN A 49 11.87 -6.00 1.49
N ASN A 50 10.96 -6.98 1.48
CA ASN A 50 11.09 -8.13 0.60
C ASN A 50 10.11 -8.09 -0.59
N ALA A 51 9.39 -6.97 -0.76
CA ALA A 51 8.46 -6.81 -1.88
C ALA A 51 9.16 -6.95 -3.22
N LYS A 52 8.53 -7.66 -4.15
CA LYS A 52 9.05 -7.83 -5.51
C LYS A 52 8.11 -7.27 -6.61
N THR A 53 7.15 -6.45 -6.21
CA THR A 53 6.28 -5.76 -7.18
C THR A 53 7.08 -4.66 -7.91
N ASP A 54 6.54 -4.11 -8.99
CA ASP A 54 7.21 -3.04 -9.69
C ASP A 54 7.28 -1.80 -8.78
N VAL A 55 6.20 -1.53 -8.06
CA VAL A 55 6.11 -0.37 -7.21
C VAL A 55 5.79 -0.79 -5.77
N VAL A 56 6.42 -0.10 -4.83
CA VAL A 56 6.15 -0.24 -3.40
C VAL A 56 5.83 1.14 -2.85
N VAL A 57 4.86 1.21 -1.93
CA VAL A 57 4.39 2.46 -1.41
C VAL A 57 4.91 2.61 0.02
N ASN A 58 5.44 3.79 0.32
CA ASN A 58 5.99 4.11 1.63
C ASN A 58 5.26 5.33 2.17
N SER A 59 5.00 5.43 3.48
CA SER A 59 4.47 6.66 4.02
C SER A 59 5.55 7.40 4.77
N VAL A 60 5.67 8.69 4.47
CA VAL A 60 6.74 9.51 4.97
C VAL A 60 6.17 10.80 5.57
N PRO A 61 6.89 11.40 6.54
CA PRO A 61 6.48 12.69 7.09
C PRO A 61 6.78 13.83 6.11
N LEU A 62 6.27 15.01 6.43
CA LEU A 62 6.49 16.22 5.62
C LEU A 62 7.97 16.52 5.38
N ASP A 63 8.80 16.34 6.39
CA ASP A 63 10.23 16.62 6.26
C ASP A 63 11.02 15.49 5.54
N LEU A 64 10.33 14.42 5.16
CA LEU A 64 10.90 13.34 4.32
C LEU A 64 11.99 12.51 4.99
N VAL A 65 12.14 12.62 6.30
CA VAL A 65 13.07 11.78 7.05
C VAL A 65 12.53 10.33 7.09
N LEU A 66 13.30 9.38 6.56
CA LEU A 66 12.84 8.00 6.39
C LEU A 66 13.07 7.10 7.61
N SER A 67 13.74 7.62 8.63
CA SER A 67 14.11 6.80 9.78
C SER A 67 13.20 7.01 10.99
N ARG A 68 12.06 7.67 10.83
CA ARG A 68 11.23 7.96 12.00
C ARG A 68 10.15 6.94 12.31
N GLY A 69 9.50 6.38 11.29
CA GLY A 69 8.49 5.35 11.46
C GLY A 69 8.98 3.96 11.12
N PRO A 70 8.42 2.93 11.75
CA PRO A 70 8.89 1.57 11.53
C PRO A 70 8.80 1.07 10.09
N LEU A 71 7.76 1.43 9.36
CA LEU A 71 7.63 0.98 7.97
C LEU A 71 8.75 1.56 7.13
N SER A 72 8.87 2.88 7.15
CA SER A 72 9.86 3.57 6.36
C SER A 72 11.27 3.19 6.76
N LYS A 73 11.48 2.99 8.05
CA LYS A 73 12.79 2.63 8.55
C LYS A 73 13.17 1.24 8.02
N SER A 74 12.21 0.30 7.99
CA SER A 74 12.43 -1.02 7.36
C SER A 74 12.86 -0.85 5.90
N LEU A 75 12.20 0.07 5.18
CA LEU A 75 12.55 0.29 3.78
C LEU A 75 13.93 0.89 3.65
N LEU A 76 14.25 1.85 4.53
CA LEU A 76 15.54 2.52 4.50
C LEU A 76 16.69 1.54 4.74
N GLU A 77 16.56 0.73 5.77
CA GLU A 77 17.62 -0.24 6.13
C GLU A 77 17.92 -1.20 5.01
N LYS A 78 16.89 -1.75 4.39
CA LYS A 78 17.08 -2.67 3.27
C LYS A 78 17.63 -1.95 2.03
N ALA A 79 17.07 -0.79 1.71
CA ALA A 79 17.41 -0.09 0.46
C ALA A 79 18.82 0.53 0.48
N GLY A 80 19.23 1.04 1.63
CA GLY A 80 20.47 1.79 1.76
C GLY A 80 20.22 3.29 1.85
N PRO A 81 21.24 4.05 2.31
CA PRO A 81 21.13 5.50 2.57
C PRO A 81 20.80 6.29 1.31
N GLU A 82 21.08 5.73 0.14
CA GLU A 82 20.73 6.40 -1.09
C GLU A 82 19.25 6.69 -1.22
N LEU A 83 18.40 5.92 -0.54
CA LEU A 83 16.95 6.13 -0.64
C LEU A 83 16.62 7.49 -0.04
N GLN A 84 17.20 7.77 1.13
CA GLN A 84 17.04 9.04 1.78
C GLN A 84 17.62 10.19 0.95
N GLU A 85 18.73 9.93 0.27
CA GLU A 85 19.42 10.93 -0.51
C GLU A 85 18.64 11.30 -1.76
N GLU A 86 18.11 10.26 -2.42
CA GLU A 86 17.32 10.49 -3.61
C GLU A 86 15.96 11.09 -3.28
N LEU A 87 15.36 10.68 -2.17
CA LEU A 87 14.09 11.27 -1.74
C LEU A 87 14.29 12.77 -1.50
N ASP A 88 15.35 13.11 -0.77
CA ASP A 88 15.66 14.51 -0.47
C ASP A 88 15.92 15.30 -1.73
N THR A 89 16.51 14.66 -2.73
CA THR A 89 16.73 15.29 -4.02
C THR A 89 15.40 15.65 -4.68
N VAL A 90 14.51 14.67 -4.75
CA VAL A 90 13.20 14.86 -5.36
C VAL A 90 12.43 15.95 -4.62
N GLY A 91 12.49 15.97 -3.30
CA GLY A 91 11.73 16.93 -2.51
C GLY A 91 12.21 18.38 -2.60
N GLN A 92 13.44 18.58 -3.05
CA GLN A 92 14.05 19.93 -3.06
C GLN A 92 13.33 20.91 -3.97
N GLY A 93 12.94 20.44 -5.16
CA GLY A 93 12.27 21.30 -6.13
C GLY A 93 10.78 21.58 -5.94
N VAL A 94 10.15 20.89 -4.99
CA VAL A 94 8.68 20.94 -4.84
C VAL A 94 8.30 21.25 -3.41
N ALA A 95 7.17 21.92 -3.24
CA ALA A 95 6.71 22.30 -1.90
C ALA A 95 5.93 21.12 -1.36
N VAL A 96 6.57 20.31 -0.52
CA VAL A 96 5.99 19.06 -0.04
C VAL A 96 4.83 19.34 0.87
N SER A 97 3.65 18.84 0.51
CA SER A 97 2.49 19.04 1.36
C SER A 97 1.69 17.76 1.52
N MET A 98 0.65 17.83 2.36
CA MET A 98 -0.23 16.71 2.65
C MET A 98 -0.62 16.04 1.33
N GLY A 99 -0.46 14.72 1.25
CA GLY A 99 -0.86 13.96 0.06
C GLY A 99 0.17 13.87 -1.05
N THR A 100 1.29 14.58 -0.93
CA THR A 100 2.27 14.61 -2.03
C THR A 100 2.85 13.21 -2.20
N VAL A 101 3.08 12.81 -3.44
CA VAL A 101 3.71 11.52 -3.75
C VAL A 101 5.04 11.78 -4.40
N LEU A 102 6.11 11.17 -3.86
CA LEU A 102 7.43 11.32 -4.44
C LEU A 102 8.02 9.97 -4.87
N LYS A 103 8.49 9.90 -6.11
CA LYS A 103 9.04 8.68 -6.67
C LYS A 103 10.56 8.66 -6.57
N THR A 104 11.09 7.54 -6.08
CA THR A 104 12.52 7.24 -6.17
C THR A 104 12.75 5.85 -6.75
N SER A 105 14.00 5.61 -7.16
CA SER A 105 14.49 4.27 -7.49
C SER A 105 14.62 3.46 -6.20
N SER A 106 14.94 2.18 -6.33
CA SER A 106 14.77 1.22 -5.25
C SER A 106 16.05 0.78 -4.57
N TRP A 107 17.19 1.02 -5.22
CA TRP A 107 18.49 0.71 -4.65
C TRP A 107 18.57 -0.77 -4.26
N ASN A 108 18.83 -1.11 -3.00
CA ASN A 108 18.93 -2.53 -2.66
C ASN A 108 17.59 -3.26 -2.44
N LEU A 109 16.46 -2.58 -2.68
CA LEU A 109 15.16 -3.25 -2.66
C LEU A 109 14.96 -4.05 -3.96
N ASP A 110 14.01 -4.97 -3.97
CA ASP A 110 13.72 -5.83 -5.12
C ASP A 110 12.65 -5.26 -6.05
N CYS A 111 12.15 -4.06 -5.77
CA CYS A 111 11.15 -3.44 -6.61
C CYS A 111 11.84 -2.49 -7.57
N ARG A 112 11.10 -1.86 -8.47
CA ARG A 112 11.68 -0.89 -9.38
C ARG A 112 11.62 0.53 -8.84
N TYR A 113 10.45 0.93 -8.33
CA TYR A 113 10.29 2.26 -7.76
C TYR A 113 9.58 2.25 -6.43
N VAL A 114 9.92 3.21 -5.58
CA VAL A 114 9.16 3.47 -4.38
C VAL A 114 8.39 4.77 -4.57
N LEU A 115 7.11 4.74 -4.23
CA LEU A 115 6.28 5.95 -4.15
C LEU A 115 6.13 6.32 -2.69
N HIS A 116 6.78 7.41 -2.30
CA HIS A 116 6.74 7.89 -0.93
C HIS A 116 5.58 8.85 -0.82
N VAL A 117 4.65 8.61 0.12
CA VAL A 117 3.45 9.42 0.26
C VAL A 117 3.37 10.07 1.63
N VAL A 118 2.99 11.34 1.66
CA VAL A 118 2.75 12.03 2.91
C VAL A 118 1.28 11.79 3.24
N ALA A 119 1.06 10.86 4.16
CA ALA A 119 -0.28 10.41 4.52
C ALA A 119 -0.76 11.19 5.74
N PRO A 120 -2.09 11.36 5.88
CA PRO A 120 -2.66 12.13 6.98
C PRO A 120 -2.79 11.38 8.31
N GLU A 121 -2.81 12.13 9.40
CA GLU A 121 -3.16 11.58 10.70
C GLU A 121 -4.65 11.23 10.73
N TRP A 122 -4.99 10.20 11.49
CA TRP A 122 -6.38 9.78 11.64
C TRP A 122 -7.25 10.95 12.15
N ARG A 123 -6.74 11.65 13.17
CA ARG A 123 -7.43 12.77 13.80
C ARG A 123 -8.86 12.38 14.12
N ASN A 124 -8.98 11.28 14.85
CA ASN A 124 -10.28 10.77 15.32
C ASN A 124 -11.31 10.53 14.21
N GLY A 125 -10.84 10.07 13.06
CA GLY A 125 -11.76 9.72 11.97
C GLY A 125 -12.25 10.91 11.19
N SER A 126 -11.43 11.96 11.16
CA SER A 126 -11.70 13.11 10.30
C SER A 126 -12.08 12.67 8.88
N THR A 127 -13.17 13.22 8.36
CA THR A 127 -13.60 12.91 6.99
C THR A 127 -12.57 13.41 5.96
N SER A 128 -11.89 14.48 6.32
CA SER A 128 -10.76 14.99 5.56
C SER A 128 -9.68 13.91 5.39
N SER A 129 -9.29 13.28 6.49
CA SER A 129 -8.30 12.20 6.48
C SER A 129 -8.70 10.99 5.62
N LEU A 130 -9.96 10.58 5.70
CA LEU A 130 -10.46 9.50 4.84
C LEU A 130 -10.24 9.81 3.37
N LYS A 131 -10.71 11.00 2.97
CA LYS A 131 -10.67 11.45 1.59
C LYS A 131 -9.24 11.52 1.09
N ILE A 132 -8.36 12.12 1.90
CA ILE A 132 -6.94 12.28 1.55
C ILE A 132 -6.24 10.93 1.36
N MET A 133 -6.46 10.00 2.29
CA MET A 133 -5.91 8.64 2.20
C MET A 133 -6.43 7.91 0.96
N GLU A 134 -7.73 7.94 0.74
CA GLU A 134 -8.33 7.33 -0.45
C GLU A 134 -7.72 7.89 -1.74
N ASP A 135 -7.53 9.21 -1.77
CA ASP A 135 -7.00 9.85 -2.98
C ASP A 135 -5.50 9.50 -3.17
N ILE A 136 -4.75 9.41 -2.08
CA ILE A 136 -3.37 8.90 -2.16
C ILE A 136 -3.36 7.51 -2.83
N ILE A 137 -4.25 6.64 -2.38
CA ILE A 137 -4.23 5.26 -2.85
C ILE A 137 -4.57 5.24 -4.32
N ARG A 138 -5.59 6.00 -4.71
CA ARG A 138 -6.00 6.12 -6.11
C ARG A 138 -4.82 6.61 -6.93
N GLU A 139 -4.16 7.65 -6.45
CA GLU A 139 -3.10 8.27 -7.20
C GLU A 139 -1.94 7.32 -7.43
N CYS A 140 -1.57 6.56 -6.40
CA CYS A 140 -0.46 5.63 -6.55
C CYS A 140 -0.74 4.61 -7.66
N MET A 141 -1.98 4.16 -7.77
CA MET A 141 -2.33 3.23 -8.84
C MET A 141 -2.32 3.93 -10.19
N GLU A 142 -2.84 5.16 -10.27
CA GLU A 142 -2.75 5.96 -11.50
C GLU A 142 -1.31 6.11 -11.96
N ILE A 143 -0.41 6.47 -11.04
CA ILE A 143 0.99 6.64 -11.37
C ILE A 143 1.53 5.33 -11.93
N THR A 144 1.23 4.23 -11.27
CA THR A 144 1.77 2.93 -11.68
C THR A 144 1.36 2.60 -13.11
N GLU A 145 0.10 2.81 -13.44
CA GLU A 145 -0.40 2.63 -14.81
C GLU A 145 0.33 3.59 -15.78
N SER A 146 0.52 4.84 -15.36
CA SER A 146 1.16 5.84 -16.23
C SER A 146 2.61 5.46 -16.55
N LEU A 147 3.24 4.71 -15.66
CA LEU A 147 4.61 4.25 -15.87
C LEU A 147 4.67 2.94 -16.67
N SER A 148 3.52 2.47 -17.13
CA SER A 148 3.40 1.21 -17.86
C SER A 148 3.88 0.03 -17.05
N LEU A 149 3.62 0.05 -15.74
CA LEU A 149 4.04 -1.02 -14.84
C LEU A 149 2.87 -1.92 -14.44
N LYS A 150 3.18 -3.12 -13.97
CA LYS A 150 2.20 -4.20 -13.79
C LYS A 150 1.66 -4.32 -12.38
N SER A 151 2.49 -4.07 -11.38
CA SER A 151 2.12 -4.39 -10.00
C SER A 151 2.59 -3.35 -8.99
N ILE A 152 1.82 -3.24 -7.91
CA ILE A 152 2.10 -2.31 -6.84
C ILE A 152 1.77 -3.00 -5.50
N ALA A 153 2.63 -2.78 -4.52
CA ALA A 153 2.43 -3.26 -3.17
C ALA A 153 2.15 -2.08 -2.27
N PHE A 154 1.03 -2.16 -1.55
CA PHE A 154 0.70 -1.27 -0.46
C PHE A 154 0.89 -2.02 0.84
N PRO A 155 1.79 -1.54 1.70
CA PRO A 155 1.66 -1.96 3.08
C PRO A 155 0.50 -1.20 3.71
N ALA A 156 0.20 -1.50 4.98
CA ALA A 156 -0.95 -0.87 5.64
C ALA A 156 -0.59 0.54 6.11
N ILE A 157 -0.35 1.43 5.15
CA ILE A 157 0.05 2.80 5.48
C ILE A 157 -1.04 3.45 6.32
N GLY A 158 -0.63 4.34 7.21
CA GLY A 158 -1.57 5.03 8.10
C GLY A 158 -1.98 4.29 9.36
N THR A 159 -1.74 2.99 9.42
CA THR A 159 -2.26 2.16 10.53
C THR A 159 -1.31 2.03 11.71
N GLY A 160 -0.18 2.72 11.65
CA GLY A 160 0.79 2.71 12.76
C GLY A 160 0.78 4.03 13.49
N ASN A 161 1.82 4.84 13.29
CA ASN A 161 1.91 6.14 13.94
C ASN A 161 0.76 7.08 13.58
N LEU A 162 0.20 6.96 12.37
CA LEU A 162 -0.89 7.85 11.96
C LEU A 162 -2.25 7.48 12.55
N GLY A 163 -2.35 6.31 13.16
CA GLY A 163 -3.52 5.95 13.96
C GLY A 163 -4.80 5.51 13.22
N PHE A 164 -4.72 5.25 11.92
CA PHE A 164 -5.91 4.67 11.22
C PHE A 164 -6.22 3.31 11.83
N PRO A 165 -7.46 3.10 12.30
CA PRO A 165 -7.87 1.76 12.73
C PRO A 165 -7.72 0.79 11.60
N LYS A 166 -7.26 -0.40 11.93
CA LYS A 166 -6.88 -1.37 10.92
C LYS A 166 -8.07 -1.97 10.14
N ASN A 167 -9.18 -2.25 10.83
CA ASN A 167 -10.40 -2.69 10.14
C ASN A 167 -10.94 -1.63 9.17
N ILE A 168 -10.85 -0.37 9.56
CA ILE A 168 -11.36 0.70 8.74
C ILE A 168 -10.41 0.91 7.58
N PHE A 169 -9.10 0.85 7.82
CA PHE A 169 -8.17 0.97 6.71
C PHE A 169 -8.32 -0.15 5.67
N ALA A 170 -8.48 -1.38 6.15
CA ALA A 170 -8.65 -2.52 5.24
C ALA A 170 -9.79 -2.33 4.26
N GLU A 171 -10.97 -1.96 4.76
CA GLU A 171 -12.11 -1.77 3.87
C GLU A 171 -11.93 -0.52 2.98
N LEU A 172 -11.28 0.52 3.52
CA LEU A 172 -10.97 1.75 2.76
C LEU A 172 -10.13 1.46 1.52
N ILE A 173 -9.01 0.76 1.69
CA ILE A 173 -8.12 0.53 0.55
C ILE A 173 -8.72 -0.45 -0.43
N ILE A 174 -9.34 -1.51 0.08
CA ILE A 174 -9.93 -2.50 -0.80
C ILE A 174 -11.06 -1.87 -1.61
N SER A 175 -11.91 -1.07 -0.98
CA SER A 175 -12.99 -0.40 -1.72
C SER A 175 -12.44 0.55 -2.78
N GLU A 176 -11.34 1.24 -2.47
CA GLU A 176 -10.73 2.15 -3.44
C GLU A 176 -10.17 1.40 -4.64
N VAL A 177 -9.59 0.22 -4.40
CA VAL A 177 -9.02 -0.57 -5.50
C VAL A 177 -10.13 -1.02 -6.45
N PHE A 178 -11.25 -1.47 -5.86
CA PHE A 178 -12.44 -1.83 -6.66
C PHE A 178 -12.94 -0.63 -7.43
N LYS A 179 -13.07 0.51 -6.76
CA LYS A 179 -13.58 1.72 -7.38
C LYS A 179 -12.70 2.14 -8.56
N PHE A 180 -11.40 2.20 -8.31
CA PHE A 180 -10.43 2.57 -9.36
C PHE A 180 -10.56 1.63 -10.56
N SER A 181 -10.71 0.35 -10.29
CA SER A 181 -10.80 -0.63 -11.37
C SER A 181 -12.07 -0.44 -12.18
N SER A 182 -13.16 -0.09 -11.50
CA SER A 182 -14.46 0.06 -12.17
C SER A 182 -14.46 1.28 -13.09
N LYS A 183 -13.72 2.32 -12.71
CA LYS A 183 -13.70 3.58 -13.45
C LYS A 183 -12.62 3.69 -14.51
N ASN A 184 -11.78 2.66 -14.63
CA ASN A 184 -10.61 2.76 -15.53
C ASN A 184 -10.41 1.51 -16.34
N GLN A 185 -10.05 1.69 -17.61
CA GLN A 185 -9.56 0.60 -18.45
C GLN A 185 -8.04 0.64 -18.34
N LEU A 186 -7.47 -0.45 -17.85
CA LEU A 186 -6.06 -0.49 -17.52
C LEU A 186 -5.31 -1.27 -18.58
N LYS A 187 -4.18 -0.75 -19.01
CA LYS A 187 -3.37 -1.37 -20.06
C LYS A 187 -2.26 -2.24 -19.47
N THR A 188 -1.67 -1.84 -18.35
CA THR A 188 -0.60 -2.64 -17.72
C THR A 188 -0.81 -3.02 -16.24
N LEU A 189 -1.39 -2.14 -15.44
CA LEU A 189 -1.59 -2.45 -14.01
C LEU A 189 -2.52 -3.63 -13.85
N GLN A 190 -2.00 -4.72 -13.31
CA GLN A 190 -2.74 -5.98 -13.15
C GLN A 190 -2.85 -6.48 -11.71
N GLU A 191 -1.92 -6.08 -10.84
CA GLU A 191 -1.86 -6.62 -9.48
C GLU A 191 -1.63 -5.56 -8.43
N VAL A 192 -2.45 -5.61 -7.38
CA VAL A 192 -2.26 -4.80 -6.18
C VAL A 192 -2.03 -5.78 -5.04
N HIS A 193 -0.84 -5.71 -4.42
CA HIS A 193 -0.51 -6.60 -3.31
C HIS A 193 -0.66 -5.84 -2.02
N PHE A 194 -1.32 -6.42 -1.03
CA PHE A 194 -1.37 -5.83 0.29
C PHE A 194 -0.33 -6.55 1.15
N LEU A 195 0.72 -5.82 1.54
CA LEU A 195 1.82 -6.38 2.31
C LEU A 195 1.60 -6.18 3.79
N LEU A 196 1.40 -7.29 4.49
CA LEU A 196 1.16 -7.29 5.90
C LEU A 196 2.37 -7.89 6.64
N HIS A 197 2.91 -7.16 7.62
CA HIS A 197 4.05 -7.65 8.41
C HIS A 197 3.64 -8.93 9.17
N PRO A 198 4.47 -9.99 9.15
CA PRO A 198 4.13 -11.27 9.78
C PRO A 198 3.65 -11.20 11.21
N SER A 199 4.17 -10.24 11.99
CA SER A 199 3.76 -10.08 13.38
C SER A 199 2.57 -9.15 13.55
N ASP A 200 2.10 -8.52 12.48
CA ASP A 200 0.99 -7.58 12.58
C ASP A 200 -0.32 -8.35 12.48
N HIS A 201 -0.63 -9.11 13.53
CA HIS A 201 -1.79 -9.99 13.57
C HIS A 201 -3.10 -9.22 13.40
N GLU A 202 -3.18 -8.01 13.96
CA GLU A 202 -4.38 -7.16 13.76
C GLU A 202 -4.67 -6.86 12.30
N ASN A 203 -3.66 -6.39 11.55
CA ASN A 203 -3.85 -6.13 10.13
C ASN A 203 -4.16 -7.38 9.35
N ILE A 204 -3.44 -8.47 9.63
CA ILE A 204 -3.72 -9.74 8.96
C ILE A 204 -5.19 -10.12 9.11
N GLN A 205 -5.73 -9.99 10.33
CA GLN A 205 -7.14 -10.30 10.60
C GLN A 205 -8.07 -9.38 9.82
N ALA A 206 -7.81 -8.08 9.92
CA ALA A 206 -8.65 -7.07 9.26
C ALA A 206 -8.73 -7.33 7.76
N PHE A 207 -7.57 -7.55 7.15
CA PHE A 207 -7.54 -7.71 5.72
C PHE A 207 -8.21 -9.03 5.32
N SER A 208 -7.95 -10.08 6.09
CA SER A 208 -8.56 -11.39 5.83
C SER A 208 -10.09 -11.32 5.94
N ASP A 209 -10.58 -10.71 7.02
CA ASP A 209 -12.01 -10.53 7.21
C ASP A 209 -12.66 -9.80 6.03
N GLU A 210 -11.98 -8.79 5.49
CA GLU A 210 -12.56 -8.02 4.40
C GLU A 210 -12.56 -8.80 3.09
N PHE A 211 -11.50 -9.58 2.83
CA PHE A 211 -11.49 -10.48 1.68
C PHE A 211 -12.64 -11.48 1.76
N ALA A 212 -12.84 -12.07 2.95
CA ALA A 212 -13.97 -13.00 3.16
C ALA A 212 -15.31 -12.37 2.78
N ARG A 213 -15.55 -11.16 3.30
CA ARG A 213 -16.76 -10.40 2.97
C ARG A 213 -16.95 -10.16 1.48
N ARG A 214 -15.92 -9.70 0.81
CA ARG A 214 -15.98 -9.45 -0.62
C ARG A 214 -16.28 -10.73 -1.44
N ALA A 215 -15.62 -11.83 -1.07
CA ALA A 215 -15.78 -13.10 -1.77
C ALA A 215 -17.18 -13.71 -1.64
N ASN A 216 -17.84 -13.46 -0.51
CA ASN A 216 -19.13 -14.07 -0.19
C ASN A 216 -20.26 -13.67 -1.13
#